data_7FN7
#
_entry.id   7FN7
#
_cell.length_a   89.435
_cell.length_b   81.661
_cell.length_c   93.45
_cell.angle_alpha   90
_cell.angle_beta   108.4
_cell.angle_gamma   90
#
_symmetry.space_group_name_H-M   'C 1 2 1'
#
loop_
_entity.id
_entity.type
_entity.pdbx_description
1 polymer 'Pre-mRNA-splicing factor 8'
2 polymer 'A1 cistron-splicing factor AAR2'
3 non-polymer 6-chloro-N-(3-methoxypropyl)pyrimidin-4-amine
4 water water
#
loop_
_entity_poly.entity_id
_entity_poly.type
_entity_poly.pdbx_seq_one_letter_code
_entity_poly.pdbx_strand_id
1 'polypeptide(L)'
;GAMNSSNYAELFNNDIKLFVDDTNVYRVTVHKTFEGNVATKAINGCIFTLNPKTGHLFLKIIHTSVWAGQKRLSQLAKWK
TAEEVSALVRSLPKEEQPKQIIVTRKAMLDPLEVHMLDFPNIAIRPTELRLPFSAAMSIDKLSDVVMKATEPQMVLFNIY
DDWLDRISSYTAFSRLTLLLRALKTNEESAKMILLSDPTITIKSYHLWPSFTDEQWITIESQMRDLILTEYGRKYNVNIS
ALTQTEIKDIILGQNIKA
;
A
2 'polypeptide(L)'
;GAMAMNTVPFTSAPIEVTIGIDQYSFNVKENQPFHGIKDIPIGHVHVIHFQHADNSSMRYGYWFDCRMGNFYIQYDPKDG
LYKMMEERDGAKFENIVHNFKERQMMVSYPKIDEDDTWYNLTEFVQMDKIRKIVRKDENQFSYVDSSMTTVQENELSSSS
SDPAHSLNYTVINFKSREAIRPGHEMEDFLDKSYYLNTVMLQGIFKNSSNYFGELQFAFLNAMFFGNYGSSLQWHAMIEL
ICSSATVPKHMLDKLDEILYYQIKTLPEQYSDILLNERVWNICLYSSFQKNSLHNTEKIMENKYPELL
;
B
#
loop_
_chem_comp.id
_chem_comp.type
_chem_comp.name
_chem_comp.formula
WC2 non-polymer 6-chloro-N-(3-methoxypropyl)pyrimidin-4-amine 'C8 H12 Cl N3 O'
#
# COMPACT_ATOMS: atom_id res chain seq x y z
N GLY A 1 6.46 -14.35 -5.51
CA GLY A 1 6.41 -13.07 -6.21
C GLY A 1 5.97 -13.20 -7.66
N ALA A 2 6.77 -12.66 -8.58
CA ALA A 2 6.41 -12.66 -9.98
C ALA A 2 6.81 -13.97 -10.66
N MET A 3 6.01 -14.35 -11.64
CA MET A 3 6.19 -15.59 -12.39
C MET A 3 6.90 -15.25 -13.71
N ASN A 4 7.92 -16.03 -14.06
CA ASN A 4 8.72 -15.72 -15.26
C ASN A 4 9.39 -16.99 -15.77
N SER A 5 10.33 -16.83 -16.71
CA SER A 5 10.97 -17.96 -17.38
C SER A 5 11.80 -18.83 -16.43
N SER A 6 12.25 -18.29 -15.30
CA SER A 6 13.10 -19.06 -14.41
C SER A 6 12.31 -20.03 -13.55
N ASN A 7 11.07 -19.68 -13.18
CA ASN A 7 10.22 -20.58 -12.40
C ASN A 7 9.03 -21.05 -13.23
N TYR A 8 9.29 -21.46 -14.47
CA TYR A 8 8.22 -21.76 -15.43
C TYR A 8 7.57 -23.11 -15.14
N ALA A 9 8.35 -24.12 -14.74
CA ALA A 9 7.82 -25.43 -14.44
C ALA A 9 6.91 -25.44 -13.21
N GLU A 10 6.93 -24.40 -12.40
CA GLU A 10 6.01 -24.33 -11.28
C GLU A 10 4.55 -24.43 -11.74
N LEU A 11 4.26 -24.00 -12.96
CA LEU A 11 2.89 -24.06 -13.47
C LEU A 11 2.34 -25.47 -13.50
N PHE A 12 3.22 -26.46 -13.57
CA PHE A 12 2.80 -27.83 -13.82
C PHE A 12 3.04 -28.72 -12.61
N ASN A 13 3.31 -28.14 -11.44
CA ASN A 13 3.42 -28.94 -10.24
C ASN A 13 2.01 -29.19 -9.73
N ASN A 14 1.89 -29.79 -8.54
CA ASN A 14 0.62 -30.27 -8.04
C ASN A 14 -0.03 -29.31 -7.03
N ASP A 15 0.43 -28.07 -6.96
CA ASP A 15 -0.24 -27.01 -6.22
C ASP A 15 -1.28 -26.39 -7.16
N ILE A 16 -2.55 -26.44 -6.79
CA ILE A 16 -3.59 -25.90 -7.68
C ILE A 16 -3.30 -24.42 -7.90
N LYS A 17 -3.36 -23.99 -9.16
CA LYS A 17 -3.20 -22.57 -9.46
C LYS A 17 -4.07 -22.22 -10.66
N LEU A 18 -4.41 -20.94 -10.74
CA LEU A 18 -5.19 -20.42 -11.86
C LEU A 18 -4.51 -19.18 -12.42
N PHE A 19 -4.45 -19.09 -13.74
CA PHE A 19 -4.23 -17.82 -14.42
C PHE A 19 -5.55 -17.07 -14.51
N VAL A 20 -5.51 -15.76 -14.39
CA VAL A 20 -6.67 -14.91 -14.66
C VAL A 20 -6.24 -13.86 -15.68
N ASP A 21 -6.95 -13.79 -16.81
CA ASP A 21 -6.71 -12.76 -17.80
C ASP A 21 -7.99 -11.95 -17.94
N ASP A 22 -7.86 -10.64 -17.82
CA ASP A 22 -9.01 -9.72 -17.88
C ASP A 22 -9.10 -8.93 -19.18
N THR A 23 -8.29 -9.26 -20.19
N THR A 23 -8.31 -9.28 -20.22
CA THR A 23 -8.20 -8.42 -21.37
CA THR A 23 -8.18 -8.42 -21.41
C THR A 23 -9.56 -8.30 -22.03
C THR A 23 -9.42 -8.45 -22.31
N ASN A 24 -10.31 -9.38 -22.08
CA ASN A 24 -11.54 -9.43 -22.86
C ASN A 24 -12.79 -9.22 -22.01
N VAL A 25 -12.64 -8.64 -20.82
CA VAL A 25 -13.79 -8.41 -19.95
C VAL A 25 -14.63 -7.24 -20.47
N TYR A 26 -13.99 -6.08 -20.68
CA TYR A 26 -14.66 -4.88 -21.17
C TYR A 26 -14.25 -4.67 -22.62
N ARG A 27 -15.20 -4.87 -23.52
CA ARG A 27 -14.96 -4.83 -24.97
C ARG A 27 -15.94 -3.83 -25.56
N VAL A 28 -15.46 -3.02 -26.52
CA VAL A 28 -16.31 -2.00 -27.15
C VAL A 28 -16.01 -1.94 -28.64
N THR A 29 -17.00 -1.47 -29.39
CA THR A 29 -16.82 -0.92 -30.72
C THR A 29 -16.92 0.60 -30.61
N VAL A 30 -16.04 1.30 -31.33
CA VAL A 30 -16.01 2.76 -31.32
C VAL A 30 -16.65 3.24 -32.62
N HIS A 31 -17.56 4.20 -32.52
CA HIS A 31 -18.29 4.62 -33.72
C HIS A 31 -18.61 6.10 -33.69
N LYS A 32 -18.94 6.64 -34.87
CA LYS A 32 -19.39 8.03 -34.98
C LYS A 32 -20.88 8.16 -34.66
N THR A 33 -21.24 9.23 -33.99
CA THR A 33 -22.63 9.56 -33.74
C THR A 33 -23.16 10.42 -34.89
N PHE A 34 -24.49 10.56 -34.96
CA PHE A 34 -25.09 11.35 -36.03
C PHE A 34 -24.50 12.76 -36.05
N GLU A 35 -24.20 13.31 -34.89
CA GLU A 35 -23.60 14.63 -34.74
C GLU A 35 -22.11 14.65 -35.07
N GLY A 36 -21.53 13.51 -35.42
CA GLY A 36 -20.10 13.45 -35.74
C GLY A 36 -19.20 13.42 -34.53
N ASN A 37 -19.72 13.10 -33.35
CA ASN A 37 -18.88 12.80 -32.20
C ASN A 37 -18.61 11.30 -32.20
N VAL A 38 -17.81 10.85 -31.23
CA VAL A 38 -17.48 9.45 -31.11
C VAL A 38 -18.15 8.90 -29.87
N ALA A 39 -18.63 7.67 -29.97
CA ALA A 39 -19.23 6.98 -28.85
C ALA A 39 -18.74 5.55 -28.86
N THR A 40 -18.90 4.88 -27.74
CA THR A 40 -18.62 3.46 -27.66
C THR A 40 -19.91 2.69 -27.50
N LYS A 41 -19.90 1.46 -28.00
CA LYS A 41 -20.95 0.49 -27.71
C LYS A 41 -20.28 -0.75 -27.15
N ALA A 42 -20.60 -1.09 -25.90
CA ALA A 42 -20.07 -2.32 -25.32
C ALA A 42 -20.62 -3.56 -26.04
N ILE A 43 -19.79 -4.60 -26.07
CA ILE A 43 -20.21 -5.93 -26.50
C ILE A 43 -19.81 -6.92 -25.41
N ASN A 44 -20.42 -8.10 -25.45
CA ASN A 44 -20.16 -9.07 -24.40
C ASN A 44 -18.68 -9.40 -24.33
N GLY A 45 -18.25 -9.70 -23.12
CA GLY A 45 -16.86 -10.05 -22.85
C GLY A 45 -16.77 -11.29 -22.03
N CYS A 46 -15.57 -11.57 -21.49
CA CYS A 46 -15.39 -12.81 -20.75
C CYS A 46 -14.14 -12.66 -19.89
N ILE A 47 -14.19 -13.31 -18.75
CA ILE A 47 -13.00 -13.55 -17.94
C ILE A 47 -12.43 -14.90 -18.32
N PHE A 48 -11.10 -14.95 -18.50
CA PHE A 48 -10.39 -16.14 -18.92
C PHE A 48 -9.63 -16.63 -17.69
N THR A 49 -10.13 -17.68 -17.06
CA THR A 49 -9.55 -18.24 -15.83
C THR A 49 -9.18 -19.68 -16.10
N LEU A 50 -7.88 -19.98 -16.04
CA LEU A 50 -7.36 -21.22 -16.60
C LEU A 50 -6.49 -21.94 -15.58
N ASN A 51 -6.76 -23.22 -15.37
CA ASN A 51 -5.82 -24.09 -14.64
C ASN A 51 -4.82 -24.65 -15.66
N PRO A 52 -3.53 -24.26 -15.60
CA PRO A 52 -2.60 -24.67 -16.66
C PRO A 52 -2.18 -26.13 -16.56
N LYS A 53 -2.40 -26.75 -15.41
CA LYS A 53 -2.08 -28.16 -15.22
C LYS A 53 -3.17 -29.07 -15.79
N THR A 54 -4.44 -28.73 -15.64
CA THR A 54 -5.51 -29.61 -16.08
C THR A 54 -6.15 -29.15 -17.37
N GLY A 55 -5.97 -27.90 -17.76
CA GLY A 55 -6.66 -27.36 -18.92
C GLY A 55 -8.03 -26.84 -18.62
N HIS A 56 -8.52 -26.97 -17.37
CA HIS A 56 -9.87 -26.48 -17.06
C HIS A 56 -9.93 -24.97 -17.22
N LEU A 57 -10.88 -24.51 -18.03
CA LEU A 57 -11.09 -23.11 -18.33
C LEU A 57 -12.45 -22.72 -17.75
N PHE A 58 -12.44 -21.78 -16.82
CA PHE A 58 -13.68 -21.28 -16.23
C PHE A 58 -13.99 -19.98 -16.98
N LEU A 59 -14.86 -20.06 -18.00
CA LEU A 59 -15.10 -18.88 -18.81
C LEU A 59 -16.33 -18.16 -18.27
N LYS A 60 -16.13 -17.06 -17.57
CA LYS A 60 -17.23 -16.26 -17.05
C LYS A 60 -17.58 -15.24 -18.10
N ILE A 61 -18.79 -15.38 -18.66
CA ILE A 61 -19.25 -14.46 -19.69
C ILE A 61 -19.78 -13.19 -19.02
N ILE A 62 -19.31 -12.04 -19.52
CA ILE A 62 -19.63 -10.72 -18.99
C ILE A 62 -20.62 -10.11 -19.96
N HIS A 63 -21.88 -10.06 -19.56
CA HIS A 63 -22.91 -9.53 -20.43
C HIS A 63 -22.93 -8.00 -20.35
N THR A 64 -23.27 -7.33 -21.46
CA THR A 64 -23.15 -5.88 -21.49
C THR A 64 -24.02 -5.18 -20.45
N SER A 65 -25.06 -5.85 -19.96
CA SER A 65 -25.92 -5.24 -18.95
C SER A 65 -25.15 -4.90 -17.69
N VAL A 66 -24.03 -5.57 -17.39
N VAL A 66 -24.05 -5.61 -17.40
CA VAL A 66 -23.31 -5.25 -16.17
CA VAL A 66 -23.20 -5.30 -16.25
C VAL A 66 -22.71 -3.85 -16.23
C VAL A 66 -22.83 -3.83 -16.24
N TRP A 67 -22.59 -3.26 -17.41
CA TRP A 67 -22.04 -1.91 -17.51
C TRP A 67 -23.10 -0.82 -17.45
N ALA A 68 -24.37 -1.17 -17.51
CA ALA A 68 -25.44 -0.17 -17.64
C ALA A 68 -25.41 0.80 -16.46
N GLY A 69 -25.30 2.09 -16.77
CA GLY A 69 -25.38 3.12 -15.73
C GLY A 69 -24.14 3.26 -14.91
N GLN A 70 -23.07 2.57 -15.27
CA GLN A 70 -21.82 2.64 -14.55
C GLN A 70 -20.85 3.60 -15.22
N LYS A 71 -19.96 4.18 -14.40
CA LYS A 71 -18.92 5.09 -14.84
C LYS A 71 -17.56 4.39 -14.76
N ARG A 72 -16.58 4.95 -15.47
CA ARG A 72 -15.18 4.51 -15.42
C ARG A 72 -15.09 3.00 -15.62
N LEU A 73 -15.61 2.55 -16.77
CA LEU A 73 -15.82 1.12 -17.01
C LEU A 73 -14.50 0.35 -17.04
N SER A 74 -13.44 0.95 -17.58
CA SER A 74 -12.15 0.22 -17.59
C SER A 74 -11.68 -0.09 -16.17
N GLN A 75 -11.92 0.82 -15.22
CA GLN A 75 -11.57 0.54 -13.84
C GLN A 75 -12.55 -0.44 -13.21
N LEU A 76 -13.84 -0.25 -13.46
CA LEU A 76 -14.81 -1.18 -12.92
C LEU A 76 -14.54 -2.60 -13.40
N ALA A 77 -14.12 -2.75 -14.66
CA ALA A 77 -13.89 -4.08 -15.23
C ALA A 77 -12.86 -4.87 -14.43
N LYS A 78 -11.84 -4.20 -13.90
CA LYS A 78 -10.86 -4.96 -13.11
C LYS A 78 -11.50 -5.45 -11.81
N TRP A 79 -12.33 -4.60 -11.18
CA TRP A 79 -12.98 -4.97 -9.93
C TRP A 79 -14.07 -6.02 -10.14
N LYS A 80 -14.82 -5.91 -11.24
CA LYS A 80 -15.78 -6.96 -11.59
C LYS A 80 -15.08 -8.30 -11.82
N THR A 81 -13.94 -8.27 -12.51
CA THR A 81 -13.14 -9.49 -12.68
C THR A 81 -12.78 -10.09 -11.32
N ALA A 82 -12.23 -9.24 -10.44
CA ALA A 82 -11.83 -9.74 -9.13
C ALA A 82 -13.03 -10.28 -8.35
N GLU A 83 -14.18 -9.59 -8.43
CA GLU A 83 -15.40 -10.05 -7.79
C GLU A 83 -15.80 -11.45 -8.27
N GLU A 84 -15.79 -11.65 -9.58
CA GLU A 84 -16.19 -12.94 -10.15
C GLU A 84 -15.19 -14.07 -9.85
N VAL A 85 -13.88 -13.77 -9.83
CA VAL A 85 -12.88 -14.77 -9.46
C VAL A 85 -13.07 -15.17 -8.00
N SER A 86 -13.28 -14.18 -7.12
N SER A 86 -13.26 -14.17 -7.13
CA SER A 86 -13.48 -14.51 -5.71
CA SER A 86 -13.52 -14.43 -5.71
C SER A 86 -14.77 -15.29 -5.50
C SER A 86 -14.75 -15.30 -5.54
N ALA A 87 -15.82 -14.98 -6.27
CA ALA A 87 -17.04 -15.80 -6.22
C ALA A 87 -16.77 -17.23 -6.68
N LEU A 88 -15.95 -17.39 -7.72
CA LEU A 88 -15.61 -18.73 -8.22
C LEU A 88 -14.87 -19.51 -7.16
N VAL A 89 -13.84 -18.90 -6.56
CA VAL A 89 -13.11 -19.62 -5.52
C VAL A 89 -14.05 -20.03 -4.39
N ARG A 90 -14.92 -19.14 -3.94
CA ARG A 90 -15.84 -19.45 -2.83
C ARG A 90 -16.79 -20.58 -3.21
N SER A 91 -17.05 -20.73 -4.50
CA SER A 91 -17.97 -21.76 -4.97
C SER A 91 -17.31 -23.13 -5.02
N LEU A 92 -15.98 -23.20 -4.98
CA LEU A 92 -15.29 -24.47 -5.10
C LEU A 92 -15.12 -25.09 -3.71
N PRO A 93 -15.20 -26.42 -3.62
CA PRO A 93 -14.78 -27.10 -2.38
C PRO A 93 -13.38 -26.67 -1.98
N LYS A 94 -13.15 -26.62 -0.66
CA LYS A 94 -11.86 -26.20 -0.13
C LYS A 94 -10.70 -26.92 -0.82
N GLU A 95 -10.82 -28.23 -1.04
CA GLU A 95 -9.69 -28.97 -1.63
C GLU A 95 -9.51 -28.70 -3.12
N GLU A 96 -10.43 -27.95 -3.75
CA GLU A 96 -10.28 -27.53 -5.15
C GLU A 96 -9.87 -26.08 -5.28
N GLN A 97 -9.89 -25.32 -4.18
CA GLN A 97 -9.52 -23.94 -4.27
C GLN A 97 -8.03 -23.80 -4.62
N PRO A 98 -7.67 -22.75 -5.37
CA PRO A 98 -6.28 -22.59 -5.77
C PRO A 98 -5.44 -22.14 -4.59
N LYS A 99 -4.16 -22.54 -4.61
N LYS A 99 -4.17 -22.55 -4.63
CA LYS A 99 -3.20 -21.99 -3.68
CA LYS A 99 -3.18 -22.02 -3.70
C LYS A 99 -2.55 -20.70 -4.17
C LYS A 99 -2.60 -20.70 -4.16
N GLN A 100 -2.59 -20.46 -5.48
CA GLN A 100 -2.06 -19.24 -6.08
C GLN A 100 -2.99 -18.86 -7.25
N ILE A 101 -3.15 -17.56 -7.42
CA ILE A 101 -3.81 -17.00 -8.61
C ILE A 101 -2.79 -16.07 -9.27
N ILE A 102 -2.49 -16.33 -10.53
CA ILE A 102 -1.52 -15.55 -11.31
C ILE A 102 -2.29 -14.67 -12.30
N VAL A 103 -2.18 -13.33 -12.12
CA VAL A 103 -2.87 -12.38 -13.01
C VAL A 103 -1.93 -12.00 -14.15
N THR A 104 -2.47 -11.91 -15.36
CA THR A 104 -1.62 -11.59 -16.50
C THR A 104 -1.29 -10.12 -16.62
N ARG A 105 -2.02 -9.25 -15.91
CA ARG A 105 -1.80 -7.80 -15.92
C ARG A 105 -1.68 -7.29 -14.48
N LYS A 106 -0.63 -6.48 -14.21
CA LYS A 106 -0.39 -6.04 -12.85
C LYS A 106 -1.53 -5.20 -12.29
N ALA A 107 -2.30 -4.53 -13.15
CA ALA A 107 -3.43 -3.75 -12.67
C ALA A 107 -4.50 -4.62 -12.00
N MET A 108 -4.48 -5.94 -12.20
CA MET A 108 -5.40 -6.81 -11.48
C MET A 108 -4.93 -7.15 -10.06
N LEU A 109 -3.70 -6.81 -9.65
CA LEU A 109 -3.24 -7.26 -8.34
C LEU A 109 -4.08 -6.70 -7.19
N ASP A 110 -4.21 -5.37 -7.10
CA ASP A 110 -4.91 -4.81 -5.95
C ASP A 110 -6.39 -5.19 -5.94
N PRO A 111 -7.11 -5.10 -7.07
CA PRO A 111 -8.52 -5.52 -7.04
C PRO A 111 -8.66 -6.96 -6.55
N LEU A 112 -7.81 -7.87 -7.02
CA LEU A 112 -7.97 -9.26 -6.61
C LEU A 112 -7.52 -9.46 -5.16
N GLU A 113 -6.39 -8.84 -4.76
CA GLU A 113 -6.00 -8.95 -3.35
C GLU A 113 -7.12 -8.49 -2.40
N VAL A 114 -7.76 -7.36 -2.69
CA VAL A 114 -8.80 -6.84 -1.85
C VAL A 114 -10.00 -7.79 -1.82
N HIS A 115 -10.42 -8.30 -2.99
CA HIS A 115 -11.54 -9.22 -2.98
C HIS A 115 -11.24 -10.54 -2.29
N MET A 116 -9.97 -10.90 -2.15
CA MET A 116 -9.56 -12.17 -1.56
C MET A 116 -8.97 -12.02 -0.15
N LEU A 117 -9.25 -10.91 0.55
CA LEU A 117 -8.71 -10.74 1.91
C LEU A 117 -9.16 -11.87 2.83
N ASP A 118 -10.36 -12.40 2.60
CA ASP A 118 -10.88 -13.57 3.30
C ASP A 118 -10.02 -14.81 3.12
N PHE A 119 -9.13 -14.82 2.13
CA PHE A 119 -8.30 -15.98 1.80
C PHE A 119 -6.83 -15.61 1.92
N PRO A 120 -6.36 -15.33 3.13
CA PRO A 120 -4.97 -14.88 3.29
C PRO A 120 -3.95 -15.88 2.81
N ASN A 121 -4.32 -17.16 2.74
CA ASN A 121 -3.41 -18.19 2.30
C ASN A 121 -3.33 -18.35 0.79
N ILE A 122 -4.18 -17.70 0.00
CA ILE A 122 -4.07 -17.77 -1.44
C ILE A 122 -3.16 -16.64 -1.92
N ALA A 123 -2.05 -17.01 -2.52
CA ALA A 123 -1.10 -16.03 -3.05
C ALA A 123 -1.59 -15.45 -4.38
N ILE A 124 -1.58 -14.13 -4.46
CA ILE A 124 -1.97 -13.38 -5.64
C ILE A 124 -0.69 -12.83 -6.26
N ARG A 125 -0.36 -13.30 -7.46
CA ARG A 125 0.93 -13.09 -8.08
C ARG A 125 0.82 -12.48 -9.47
N PRO A 126 1.75 -11.59 -9.84
CA PRO A 126 1.90 -11.21 -11.24
C PRO A 126 2.82 -12.13 -12.00
N THR A 127 3.04 -11.82 -13.27
CA THR A 127 3.94 -12.62 -14.09
C THR A 127 4.68 -11.70 -15.07
N GLU A 128 5.93 -12.07 -15.37
N GLU A 128 5.92 -12.06 -15.38
CA GLU A 128 6.71 -11.42 -16.41
CA GLU A 128 6.65 -11.37 -16.43
C GLU A 128 6.48 -12.04 -17.78
C GLU A 128 6.47 -12.03 -17.80
N LEU A 129 5.85 -13.21 -17.85
CA LEU A 129 5.50 -13.81 -19.14
C LEU A 129 4.47 -12.92 -19.85
N ARG A 130 4.63 -12.81 -21.18
CA ARG A 130 3.66 -12.10 -22.03
C ARG A 130 2.78 -13.19 -22.64
N LEU A 131 1.71 -13.52 -21.93
CA LEU A 131 0.90 -14.64 -22.38
C LEU A 131 -0.16 -14.15 -23.35
N PRO A 132 -0.48 -14.96 -24.33
CA PRO A 132 -1.33 -14.48 -25.42
C PRO A 132 -2.80 -14.79 -25.20
N PHE A 133 -3.26 -14.77 -23.94
CA PHE A 133 -4.63 -15.18 -23.67
C PHE A 133 -5.67 -14.21 -24.22
N SER A 134 -5.27 -12.98 -24.55
CA SER A 134 -6.21 -12.07 -25.20
C SER A 134 -6.79 -12.69 -26.47
N ALA A 135 -6.04 -13.58 -27.11
CA ALA A 135 -6.51 -14.23 -28.32
C ALA A 135 -7.55 -15.31 -28.09
N ALA A 136 -8.02 -15.53 -26.84
CA ALA A 136 -9.01 -16.58 -26.61
C ALA A 136 -10.27 -16.34 -27.44
N MET A 137 -10.61 -15.09 -27.69
CA MET A 137 -11.80 -14.83 -28.48
C MET A 137 -11.58 -15.09 -29.96
N SER A 138 -10.40 -15.56 -30.36
CA SER A 138 -10.20 -16.09 -31.70
C SER A 138 -10.50 -17.58 -31.80
N ILE A 139 -10.79 -18.25 -30.69
CA ILE A 139 -11.27 -19.62 -30.71
C ILE A 139 -12.76 -19.57 -30.97
N ASP A 140 -13.17 -20.13 -32.10
CA ASP A 140 -14.53 -19.90 -32.58
C ASP A 140 -15.59 -20.29 -31.55
N LYS A 141 -15.44 -21.45 -30.91
CA LYS A 141 -16.49 -21.89 -30.00
C LYS A 141 -16.56 -21.01 -28.76
N LEU A 142 -15.43 -20.45 -28.31
CA LEU A 142 -15.48 -19.52 -27.18
C LEU A 142 -16.14 -18.20 -27.57
N SER A 143 -15.71 -17.64 -28.70
CA SER A 143 -16.34 -16.44 -29.21
C SER A 143 -17.86 -16.62 -29.38
N ASP A 144 -18.29 -17.79 -29.88
CA ASP A 144 -19.72 -18.01 -30.12
C ASP A 144 -20.50 -17.96 -28.82
N VAL A 145 -20.02 -18.64 -27.76
CA VAL A 145 -20.81 -18.67 -26.56
C VAL A 145 -20.84 -17.29 -25.92
N VAL A 146 -19.77 -16.51 -26.06
CA VAL A 146 -19.77 -15.18 -25.48
C VAL A 146 -20.77 -14.27 -26.19
N MET A 147 -20.70 -14.24 -27.52
N MET A 147 -20.72 -14.28 -27.53
N MET A 147 -20.73 -14.28 -27.53
CA MET A 147 -21.58 -13.37 -28.29
CA MET A 147 -21.57 -13.36 -28.28
CA MET A 147 -21.56 -13.36 -28.31
C MET A 147 -23.04 -13.74 -28.08
C MET A 147 -23.04 -13.75 -28.21
C MET A 147 -23.03 -13.75 -28.31
N LYS A 148 -23.35 -15.03 -28.08
CA LYS A 148 -24.74 -15.47 -27.99
C LYS A 148 -25.35 -15.24 -26.60
N ALA A 149 -24.55 -14.98 -25.57
CA ALA A 149 -25.09 -14.86 -24.23
C ALA A 149 -26.05 -13.68 -24.12
N THR A 150 -27.21 -13.92 -23.50
CA THR A 150 -28.21 -12.90 -23.21
C THR A 150 -28.24 -12.51 -21.74
N GLU A 151 -27.43 -13.18 -20.91
CA GLU A 151 -27.38 -12.98 -19.47
C GLU A 151 -26.02 -13.43 -18.98
N PRO A 152 -25.60 -12.99 -17.80
CA PRO A 152 -24.36 -13.54 -17.20
C PRO A 152 -24.39 -15.07 -17.14
N GLN A 153 -23.24 -15.68 -17.42
CA GLN A 153 -23.19 -17.11 -17.55
C GLN A 153 -21.76 -17.53 -17.37
N MET A 154 -21.56 -18.68 -16.75
CA MET A 154 -20.25 -19.33 -16.66
C MET A 154 -20.28 -20.63 -17.43
N VAL A 155 -19.29 -20.84 -18.28
CA VAL A 155 -19.18 -22.08 -19.07
C VAL A 155 -17.81 -22.69 -18.82
N LEU A 156 -17.77 -24.01 -18.59
CA LEU A 156 -16.53 -24.73 -18.32
C LEU A 156 -16.07 -25.44 -19.58
N PHE A 157 -14.81 -25.27 -19.92
CA PHE A 157 -14.21 -25.92 -21.08
C PHE A 157 -12.94 -26.59 -20.61
N ASN A 158 -12.45 -27.55 -21.38
CA ASN A 158 -11.06 -27.99 -21.27
C ASN A 158 -10.34 -27.45 -22.50
N ILE A 159 -9.42 -26.50 -22.28
CA ILE A 159 -8.78 -25.84 -23.42
C ILE A 159 -7.75 -26.72 -24.11
N TYR A 160 -7.38 -27.87 -23.49
CA TYR A 160 -6.47 -28.85 -24.07
C TYR A 160 -7.18 -29.98 -24.79
N ASP A 161 -8.50 -29.92 -24.93
CA ASP A 161 -9.25 -31.07 -25.49
C ASP A 161 -8.78 -32.34 -24.78
N ASP A 162 -8.42 -33.41 -25.50
CA ASP A 162 -7.95 -34.65 -24.91
C ASP A 162 -6.44 -34.77 -24.97
N TRP A 163 -5.71 -33.65 -25.16
CA TRP A 163 -4.27 -33.76 -25.40
C TRP A 163 -3.56 -34.45 -24.25
N LEU A 164 -4.02 -34.24 -23.01
CA LEU A 164 -3.29 -34.76 -21.86
C LEU A 164 -3.25 -36.29 -21.84
N ASP A 165 -4.13 -36.95 -22.60
CA ASP A 165 -4.01 -38.41 -22.76
C ASP A 165 -2.70 -38.80 -23.41
N ARG A 166 -2.13 -37.91 -24.23
CA ARG A 166 -0.94 -38.23 -25.01
C ARG A 166 0.29 -37.41 -24.66
N ILE A 167 0.12 -36.18 -24.12
CA ILE A 167 1.25 -35.31 -23.82
C ILE A 167 1.13 -34.77 -22.40
N SER A 168 2.25 -34.23 -21.90
CA SER A 168 2.25 -33.65 -20.57
C SER A 168 1.64 -32.25 -20.57
N SER A 169 1.25 -31.80 -19.39
N SER A 169 1.28 -31.76 -19.38
CA SER A 169 0.75 -30.44 -19.24
CA SER A 169 0.72 -30.41 -19.27
C SER A 169 1.75 -29.44 -19.81
C SER A 169 1.74 -29.33 -19.64
N TYR A 170 3.03 -29.57 -19.44
CA TYR A 170 4.02 -28.62 -19.94
C TYR A 170 3.90 -28.49 -21.45
N THR A 171 3.88 -29.64 -22.15
CA THR A 171 3.79 -29.63 -23.60
C THR A 171 2.44 -29.11 -24.07
N ALA A 172 1.36 -29.46 -23.37
CA ALA A 172 0.04 -28.93 -23.76
C ALA A 172 -0.02 -27.41 -23.64
N PHE A 173 0.54 -26.86 -22.56
CA PHE A 173 0.57 -25.41 -22.40
C PHE A 173 1.42 -24.75 -23.48
N SER A 174 2.57 -25.36 -23.81
CA SER A 174 3.39 -24.83 -24.89
C SER A 174 2.63 -24.81 -26.22
N ARG A 175 1.88 -25.88 -26.51
CA ARG A 175 1.08 -25.91 -27.73
C ARG A 175 0.04 -24.82 -27.68
N LEU A 176 -0.64 -24.70 -26.56
CA LEU A 176 -1.72 -23.72 -26.46
C LEU A 176 -1.19 -22.31 -26.67
N THR A 177 -0.05 -21.98 -26.01
CA THR A 177 0.46 -20.62 -26.12
C THR A 177 1.01 -20.36 -27.53
N LEU A 178 1.55 -21.37 -28.20
CA LEU A 178 1.93 -21.21 -29.61
C LEU A 178 0.70 -20.94 -30.49
N LEU A 179 -0.36 -21.71 -30.30
CA LEU A 179 -1.56 -21.51 -31.09
C LEU A 179 -2.11 -20.11 -30.87
N LEU A 180 -2.18 -19.68 -29.61
CA LEU A 180 -2.78 -18.40 -29.29
C LEU A 180 -1.89 -17.24 -29.74
N ARG A 181 -0.57 -17.39 -29.61
CA ARG A 181 0.34 -16.39 -30.15
C ARG A 181 0.15 -16.22 -31.67
N ALA A 182 -0.03 -17.32 -32.40
CA ALA A 182 -0.23 -17.20 -33.83
C ALA A 182 -1.54 -16.50 -34.14
N LEU A 183 -2.61 -16.90 -33.45
CA LEU A 183 -3.92 -16.28 -33.66
C LEU A 183 -3.88 -14.79 -33.35
N LYS A 184 -3.07 -14.40 -32.37
CA LYS A 184 -2.92 -12.99 -32.05
C LYS A 184 -2.10 -12.24 -33.09
N THR A 185 -1.10 -12.90 -33.71
N THR A 185 -1.13 -12.91 -33.72
CA THR A 185 -0.25 -12.20 -34.65
CA THR A 185 -0.24 -12.22 -34.66
C THR A 185 -0.88 -12.09 -36.03
C THR A 185 -0.85 -12.11 -36.04
N ASN A 186 -1.57 -13.14 -36.49
CA ASN A 186 -2.24 -13.12 -37.79
C ASN A 186 -3.39 -14.12 -37.71
N GLU A 187 -4.57 -13.62 -37.30
CA GLU A 187 -5.69 -14.52 -37.04
C GLU A 187 -6.12 -15.28 -38.29
N GLU A 188 -6.23 -14.60 -39.43
CA GLU A 188 -6.69 -15.28 -40.63
C GLU A 188 -5.77 -16.42 -41.01
N SER A 189 -4.47 -16.13 -41.12
CA SER A 189 -3.50 -17.15 -41.47
C SER A 189 -3.55 -18.31 -40.49
N ALA A 190 -3.47 -18.00 -39.18
CA ALA A 190 -3.55 -19.04 -38.16
C ALA A 190 -4.77 -19.92 -38.35
N LYS A 191 -5.93 -19.30 -38.58
CA LYS A 191 -7.14 -20.09 -38.74
C LYS A 191 -7.13 -20.90 -40.04
N MET A 192 -6.54 -20.35 -41.10
CA MET A 192 -6.38 -21.13 -42.32
CA MET A 192 -6.34 -21.11 -42.34
C MET A 192 -5.50 -22.35 -42.08
N ILE A 193 -4.37 -22.17 -41.38
CA ILE A 193 -3.52 -23.30 -41.02
C ILE A 193 -4.33 -24.37 -40.29
N LEU A 194 -5.14 -23.94 -39.34
CA LEU A 194 -5.83 -24.89 -38.46
C LEU A 194 -6.95 -25.62 -39.18
N LEU A 195 -7.57 -24.99 -40.18
CA LEU A 195 -8.76 -25.54 -40.81
C LEU A 195 -8.61 -25.79 -42.30
N SER A 196 -7.42 -25.56 -42.88
CA SER A 196 -7.26 -25.72 -44.32
C SER A 196 -7.72 -27.10 -44.79
N ASP A 197 -7.45 -28.14 -44.00
CA ASP A 197 -7.76 -29.51 -44.39
C ASP A 197 -9.14 -29.91 -43.87
N PRO A 198 -10.13 -30.13 -44.73
CA PRO A 198 -11.48 -30.45 -44.23
C PRO A 198 -11.66 -31.89 -43.74
N THR A 199 -10.68 -32.76 -43.90
CA THR A 199 -10.80 -34.12 -43.40
C THR A 199 -10.45 -34.25 -41.92
N ILE A 200 -9.84 -33.23 -41.33
CA ILE A 200 -9.56 -33.19 -39.90
C ILE A 200 -10.62 -32.29 -39.29
N THR A 201 -11.43 -32.82 -38.41
CA THR A 201 -12.56 -32.06 -37.90
C THR A 201 -12.37 -31.78 -36.40
N ILE A 202 -13.19 -30.86 -35.91
CA ILE A 202 -13.27 -30.54 -34.50
C ILE A 202 -14.42 -31.33 -33.91
N LYS A 203 -14.14 -32.17 -32.93
CA LYS A 203 -15.22 -32.92 -32.31
C LYS A 203 -16.17 -31.96 -31.61
N SER A 204 -17.44 -32.38 -31.50
CA SER A 204 -18.45 -31.52 -30.89
C SER A 204 -18.04 -31.06 -29.49
N TYR A 205 -17.33 -31.91 -28.73
CA TYR A 205 -16.98 -31.62 -27.36
C TYR A 205 -15.55 -31.05 -27.23
N HIS A 206 -14.97 -30.58 -28.34
CA HIS A 206 -13.60 -30.07 -28.40
C HIS A 206 -13.57 -28.66 -28.97
N LEU A 207 -12.44 -27.99 -28.77
CA LEU A 207 -12.22 -26.66 -29.31
C LEU A 207 -11.35 -26.64 -30.55
N TRP A 208 -10.41 -27.58 -30.66
CA TRP A 208 -9.41 -27.62 -31.70
C TRP A 208 -9.61 -28.89 -32.53
N PRO A 209 -9.01 -28.97 -33.70
CA PRO A 209 -9.14 -30.16 -34.54
C PRO A 209 -8.43 -31.38 -33.97
N SER A 210 -8.87 -32.53 -34.46
CA SER A 210 -8.44 -33.86 -33.98
C SER A 210 -7.19 -34.32 -34.73
N PHE A 211 -6.13 -33.56 -34.56
CA PHE A 211 -4.86 -33.82 -35.24
C PHE A 211 -4.18 -35.04 -34.64
N THR A 212 -3.64 -35.88 -35.51
CA THR A 212 -2.74 -36.90 -35.02
C THR A 212 -1.47 -36.26 -34.47
N ASP A 213 -0.69 -37.07 -33.75
CA ASP A 213 0.60 -36.61 -33.26
C ASP A 213 1.45 -36.02 -34.38
N GLU A 214 1.56 -36.73 -35.51
CA GLU A 214 2.39 -36.23 -36.60
C GLU A 214 1.80 -34.96 -37.20
N GLN A 215 0.48 -34.85 -37.24
CA GLN A 215 -0.15 -33.65 -37.77
C GLN A 215 0.07 -32.46 -36.84
N TRP A 216 0.12 -32.69 -35.51
CA TRP A 216 0.38 -31.58 -34.59
C TRP A 216 1.79 -31.03 -34.80
N ILE A 217 2.75 -31.90 -35.07
CA ILE A 217 4.10 -31.43 -35.37
C ILE A 217 4.09 -30.53 -36.60
N THR A 218 3.38 -30.94 -37.65
CA THR A 218 3.29 -30.09 -38.84
C THR A 218 2.59 -28.77 -38.51
N ILE A 219 1.42 -28.84 -37.87
CA ILE A 219 0.71 -27.64 -37.47
C ILE A 219 1.62 -26.71 -36.66
N GLU A 220 2.31 -27.27 -35.66
CA GLU A 220 3.15 -26.45 -34.80
C GLU A 220 4.25 -25.76 -35.59
N SER A 221 4.82 -26.47 -36.57
N SER A 221 4.85 -26.47 -36.56
CA SER A 221 5.86 -25.87 -37.41
CA SER A 221 5.86 -25.84 -37.39
C SER A 221 5.29 -24.74 -38.25
C SER A 221 5.28 -24.70 -38.22
N GLN A 222 4.07 -24.90 -38.75
CA GLN A 222 3.45 -23.87 -39.56
C GLN A 222 3.13 -22.61 -38.74
N MET A 223 2.83 -22.77 -37.45
CA MET A 223 2.56 -21.62 -36.59
C MET A 223 3.83 -20.86 -36.25
N ARG A 224 4.91 -21.58 -35.96
N ARG A 224 4.92 -21.58 -36.00
CA ARG A 224 6.21 -20.94 -35.78
CA ARG A 224 6.19 -20.93 -35.77
C ARG A 224 6.58 -20.13 -37.01
C ARG A 224 6.65 -20.15 -37.00
N ASP A 225 6.45 -20.72 -38.20
CA ASP A 225 6.74 -20.00 -39.43
CA ASP A 225 6.74 -19.99 -39.42
C ASP A 225 5.91 -18.73 -39.52
N LEU A 226 4.59 -18.85 -39.32
CA LEU A 226 3.71 -17.69 -39.36
C LEU A 226 4.21 -16.60 -38.44
N ILE A 227 4.55 -16.96 -37.20
CA ILE A 227 4.98 -15.96 -36.23
C ILE A 227 6.29 -15.33 -36.67
N LEU A 228 7.21 -16.15 -37.19
CA LEU A 228 8.47 -15.60 -37.70
C LEU A 228 8.22 -14.74 -38.93
N THR A 229 7.42 -15.24 -39.87
CA THR A 229 6.93 -14.46 -40.99
C THR A 229 6.47 -13.06 -40.55
N GLU A 230 5.28 -12.98 -39.93
CA GLU A 230 4.72 -11.71 -39.49
C GLU A 230 5.74 -10.84 -38.80
N TYR A 231 6.69 -11.46 -38.10
CA TYR A 231 7.74 -10.69 -37.45
C TYR A 231 8.66 -10.04 -38.47
N GLY A 232 8.79 -10.62 -39.66
CA GLY A 232 9.51 -9.99 -40.75
C GLY A 232 8.65 -8.93 -41.43
N ARG A 233 7.46 -9.32 -41.90
CA ARG A 233 6.49 -8.38 -42.42
C ARG A 233 6.37 -7.16 -41.51
N LYS A 234 6.51 -7.38 -40.20
CA LYS A 234 6.35 -6.29 -39.24
C LYS A 234 7.59 -5.40 -39.19
N TYR A 235 8.76 -6.00 -38.99
CA TYR A 235 10.00 -5.27 -38.85
C TYR A 235 10.82 -5.21 -40.14
N ASN A 236 10.34 -5.81 -41.22
CA ASN A 236 11.04 -5.83 -42.51
C ASN A 236 12.41 -6.52 -42.37
N VAL A 237 12.38 -7.78 -41.94
CA VAL A 237 13.59 -8.58 -41.75
C VAL A 237 13.54 -9.86 -42.58
N MET B 5 6.60 29.04 34.63
CA MET B 5 7.77 28.47 33.87
C MET B 5 8.54 27.43 34.68
N ASN B 6 8.67 26.21 34.14
CA ASN B 6 9.22 25.08 34.89
C ASN B 6 10.65 24.79 34.48
N THR B 7 11.26 23.88 35.24
CA THR B 7 12.70 23.63 35.20
C THR B 7 12.91 22.13 35.15
N VAL B 8 13.83 21.68 34.29
CA VAL B 8 14.28 20.26 34.18
C VAL B 8 15.75 20.31 34.60
N PRO B 9 16.10 20.21 35.89
CA PRO B 9 17.50 20.30 36.28
C PRO B 9 18.28 19.02 35.93
N PHE B 10 19.60 19.14 35.88
CA PHE B 10 20.52 18.01 35.56
C PHE B 10 21.43 17.81 36.77
N THR B 11 21.80 16.56 37.06
CA THR B 11 22.75 16.21 38.14
C THR B 11 24.10 16.81 37.79
N SER B 12 24.48 16.62 36.55
CA SER B 12 25.77 16.95 35.93
C SER B 12 25.67 16.48 34.47
N ALA B 13 26.70 16.76 33.71
CA ALA B 13 26.83 16.37 32.30
C ALA B 13 28.17 15.67 32.12
N PRO B 14 28.25 14.40 32.47
CA PRO B 14 29.56 13.71 32.45
C PRO B 14 30.06 13.37 31.05
N ILE B 15 29.19 13.29 30.05
CA ILE B 15 29.61 12.99 28.70
C ILE B 15 29.10 14.05 27.73
N GLU B 16 29.94 14.37 26.77
CA GLU B 16 29.64 15.35 25.75
C GLU B 16 28.42 14.90 24.94
N VAL B 17 27.48 15.83 24.74
CA VAL B 17 26.16 15.47 24.22
C VAL B 17 25.55 16.71 23.59
N THR B 18 24.81 16.50 22.50
CA THR B 18 23.92 17.51 21.95
C THR B 18 22.55 17.27 22.59
N ILE B 19 22.02 18.31 23.25
CA ILE B 19 20.75 18.21 23.96
C ILE B 19 19.70 18.97 23.17
N GLY B 20 18.55 18.38 22.96
CA GLY B 20 17.41 19.05 22.33
C GLY B 20 16.34 19.30 23.36
N ILE B 21 15.67 20.45 23.27
CA ILE B 21 14.48 20.69 24.06
C ILE B 21 13.50 21.24 23.05
N ASP B 22 12.46 20.49 22.77
CA ASP B 22 11.53 20.79 21.66
C ASP B 22 12.35 21.04 20.40
N GLN B 23 12.09 22.12 19.66
CA GLN B 23 12.72 22.34 18.37
C GLN B 23 14.09 23.03 18.50
N TYR B 24 14.57 23.24 19.72
CA TYR B 24 15.87 23.85 20.03
C TYR B 24 16.92 22.79 20.40
N SER B 25 18.19 23.16 20.26
CA SER B 25 19.25 22.23 20.64
C SER B 25 20.55 22.98 20.91
N PHE B 26 21.40 22.37 21.74
CA PHE B 26 22.68 22.96 22.10
C PHE B 26 23.64 21.88 22.53
N ASN B 27 24.92 22.21 22.50
CA ASN B 27 26.00 21.27 22.78
C ASN B 27 26.48 21.47 24.21
N VAL B 28 26.70 20.35 24.90
CA VAL B 28 27.31 20.38 26.23
C VAL B 28 28.59 19.56 26.20
N LYS B 29 29.69 20.14 26.68
CA LYS B 29 30.97 19.42 26.64
C LYS B 29 31.09 18.45 27.82
N GLU B 30 32.02 17.49 27.70
CA GLU B 30 32.22 16.54 28.77
C GLU B 30 32.58 17.25 30.07
N ASN B 31 31.81 17.02 31.13
CA ASN B 31 32.02 17.59 32.45
C ASN B 31 31.87 19.12 32.48
N GLN B 32 31.19 19.67 31.50
CA GLN B 32 30.89 21.10 31.52
C GLN B 32 29.94 21.41 32.68
N PRO B 33 30.08 22.57 33.51
CA PRO B 33 29.21 23.27 34.76
C PRO B 33 27.88 23.51 34.04
N PHE B 34 26.96 22.54 34.02
CA PHE B 34 25.63 22.65 33.37
C PHE B 34 24.61 22.05 34.34
N HIS B 35 23.58 22.78 34.71
CA HIS B 35 22.56 22.34 35.68
C HIS B 35 21.17 22.23 35.07
N GLY B 36 21.05 22.27 33.73
CA GLY B 36 19.78 21.97 33.08
C GLY B 36 19.11 23.08 32.32
N ILE B 37 17.80 22.95 32.11
CA ILE B 37 16.96 23.87 31.30
C ILE B 37 15.90 24.52 32.21
N LYS B 38 15.79 25.86 32.19
CA LYS B 38 14.82 26.63 32.95
C LYS B 38 13.88 27.33 31.98
N ASP B 39 12.84 27.94 32.56
CA ASP B 39 11.85 28.75 31.83
C ASP B 39 11.07 27.94 30.79
N ILE B 40 10.83 26.66 31.07
CA ILE B 40 10.05 25.83 30.13
C ILE B 40 8.58 26.19 30.23
N PRO B 41 7.94 26.52 29.10
CA PRO B 41 6.55 26.92 29.14
C PRO B 41 5.64 25.84 29.69
N ILE B 42 4.84 26.23 30.68
CA ILE B 42 3.76 25.41 31.17
C ILE B 42 2.61 25.44 30.16
N GLY B 43 1.95 24.31 30.02
CA GLY B 43 0.76 24.18 29.20
C GLY B 43 0.95 23.35 27.98
N HIS B 44 2.19 22.94 27.68
CA HIS B 44 2.48 22.17 26.50
C HIS B 44 3.17 20.90 26.95
N VAL B 45 3.04 19.84 26.16
N VAL B 45 3.00 19.82 26.20
CA VAL B 45 3.95 18.71 26.28
CA VAL B 45 3.98 18.73 26.35
C VAL B 45 5.29 19.11 25.68
C VAL B 45 5.32 19.23 25.84
N HIS B 46 6.37 18.50 26.18
CA HIS B 46 7.70 18.86 25.74
C HIS B 46 8.47 17.57 25.51
N VAL B 47 9.58 17.69 24.81
CA VAL B 47 10.49 16.55 24.61
C VAL B 47 11.92 17.05 24.85
N ILE B 48 12.65 16.30 25.68
N ILE B 48 12.63 16.36 25.74
CA ILE B 48 14.06 16.57 25.90
CA ILE B 48 14.06 16.57 25.89
C ILE B 48 14.82 15.38 25.33
C ILE B 48 14.74 15.39 25.23
N HIS B 49 15.76 15.67 24.44
CA HIS B 49 16.37 14.61 23.64
C HIS B 49 17.89 14.76 23.55
N PHE B 50 18.53 13.66 23.16
CA PHE B 50 19.97 13.54 23.36
C PHE B 50 20.63 12.85 22.18
N GLN B 51 21.81 13.32 21.82
CA GLN B 51 22.66 12.61 20.86
C GLN B 51 24.09 12.69 21.35
N HIS B 52 24.68 11.55 21.68
CA HIS B 52 26.02 11.63 22.28
C HIS B 52 27.02 12.01 21.19
N ALA B 53 28.08 12.72 21.59
CA ALA B 53 29.09 13.14 20.64
C ALA B 53 29.84 11.92 20.09
N ASP B 54 30.10 10.93 20.94
CA ASP B 54 30.93 9.80 20.53
C ASP B 54 30.16 8.73 19.76
N ASN B 55 28.83 8.76 19.82
CA ASN B 55 28.03 7.77 19.09
C ASN B 55 26.72 8.45 18.73
N SER B 56 26.72 9.13 17.59
CA SER B 56 25.49 9.70 17.05
C SER B 56 24.44 8.63 16.78
N SER B 57 24.82 7.35 16.81
CA SER B 57 23.80 6.30 16.80
C SER B 57 22.94 6.41 18.05
N MET B 58 21.66 6.11 17.92
N MET B 58 21.66 6.13 17.87
CA MET B 58 20.73 6.23 19.03
CA MET B 58 20.64 6.20 18.91
C MET B 58 20.56 7.70 19.43
C MET B 58 20.47 7.62 19.44
N ARG B 59 19.69 8.41 18.72
CA ARG B 59 19.05 9.57 19.32
C ARG B 59 18.01 9.01 20.30
N TYR B 60 17.84 9.66 21.46
CA TYR B 60 16.83 9.17 22.40
C TYR B 60 16.35 10.36 23.21
N GLY B 61 15.23 10.18 23.89
CA GLY B 61 14.67 11.31 24.64
C GLY B 61 13.42 10.95 25.39
N TYR B 62 12.83 11.98 26.01
CA TYR B 62 11.74 11.81 26.94
C TYR B 62 10.66 12.84 26.67
N TRP B 63 9.44 12.38 26.48
CA TRP B 63 8.27 13.24 26.46
C TRP B 63 7.76 13.42 27.88
N PHE B 64 7.43 14.67 28.24
CA PHE B 64 7.03 14.97 29.61
C PHE B 64 6.18 16.23 29.59
N ASP B 65 5.50 16.43 30.72
CA ASP B 65 4.62 17.59 30.95
C ASP B 65 4.90 17.99 32.39
N CYS B 66 5.46 19.18 32.59
CA CYS B 66 5.89 19.59 33.92
C CYS B 66 4.74 19.72 34.91
N ARG B 67 3.51 19.76 34.43
CA ARG B 67 2.39 19.79 35.35
C ARG B 67 2.18 18.45 36.04
N MET B 68 2.72 17.38 35.45
N MET B 68 2.73 17.38 35.45
CA MET B 68 2.57 15.99 35.93
CA MET B 68 2.58 15.99 35.91
C MET B 68 3.69 15.52 36.87
C MET B 68 3.67 15.52 36.89
N GLY B 69 4.55 16.41 37.37
CA GLY B 69 5.57 16.01 38.32
C GLY B 69 6.79 16.89 38.19
N ASN B 70 7.73 16.69 39.12
CA ASN B 70 9.03 17.36 39.12
C ASN B 70 10.05 16.37 38.54
N PHE B 71 10.62 16.70 37.37
CA PHE B 71 11.56 15.80 36.66
C PHE B 71 12.96 16.43 36.60
N TYR B 72 13.98 15.58 36.71
CA TYR B 72 15.41 15.94 36.61
C TYR B 72 16.10 14.90 35.73
N ILE B 73 17.27 15.23 35.22
CA ILE B 73 18.02 14.31 34.34
C ILE B 73 19.26 13.86 35.08
N GLN B 74 19.54 12.56 35.12
CA GLN B 74 20.76 12.04 35.77
C GLN B 74 21.47 11.08 34.81
N TYR B 75 22.75 11.28 34.57
CA TYR B 75 23.52 10.38 33.69
C TYR B 75 23.75 9.06 34.42
N ASP B 76 23.42 7.92 33.81
CA ASP B 76 23.68 6.60 34.37
C ASP B 76 24.92 6.02 33.71
N PRO B 77 26.03 5.88 34.44
CA PRO B 77 27.26 5.37 33.80
C PRO B 77 27.22 3.88 33.49
N LYS B 78 26.23 3.15 34.02
CA LYS B 78 26.12 1.73 33.73
C LYS B 78 25.36 1.52 32.43
N ASP B 79 24.19 2.15 32.32
CA ASP B 79 23.42 2.03 31.10
C ASP B 79 23.85 3.03 30.03
N GLY B 80 24.72 3.99 30.36
CA GLY B 80 25.31 4.86 29.38
C GLY B 80 24.33 5.83 28.76
N LEU B 81 23.40 6.35 29.56
CA LEU B 81 22.52 7.36 28.97
C LEU B 81 22.01 8.32 30.04
N TYR B 82 21.58 9.47 29.55
CA TYR B 82 20.94 10.46 30.39
C TYR B 82 19.52 10.00 30.67
N LYS B 83 19.17 9.77 31.94
CA LYS B 83 17.87 9.24 32.29
C LYS B 83 17.00 10.32 32.92
N MET B 84 15.74 10.36 32.52
CA MET B 84 14.79 11.21 33.25
C MET B 84 14.32 10.45 34.47
N MET B 85 14.20 11.21 35.54
CA MET B 85 13.77 10.74 36.88
C MET B 85 12.73 11.70 37.46
N GLU B 86 11.98 11.26 38.46
CA GLU B 86 11.01 12.12 39.19
C GLU B 86 11.53 12.35 40.62
N GLU B 87 11.54 13.60 41.11
CA GLU B 87 11.86 13.92 42.51
C GLU B 87 10.48 14.05 43.17
N ARG B 88 10.10 13.14 44.05
CA ARG B 88 8.76 13.18 44.69
C ARG B 88 8.85 14.22 45.80
N ASP B 89 10.00 14.34 46.45
CA ASP B 89 10.14 15.32 47.52
C ASP B 89 10.12 16.72 46.89
N GLY B 90 8.93 17.31 46.85
CA GLY B 90 8.78 18.62 46.24
C GLY B 90 9.65 19.68 46.89
N ALA B 91 9.59 19.66 48.20
CA ALA B 91 10.43 20.49 49.08
C ALA B 91 11.88 20.36 48.61
N LYS B 92 12.36 19.12 48.52
CA LYS B 92 13.79 18.81 48.19
C LYS B 92 14.03 19.19 46.74
N PHE B 93 13.06 18.99 45.84
CA PHE B 93 13.24 19.39 44.44
C PHE B 93 13.45 20.90 44.41
N GLU B 94 12.61 21.62 45.15
CA GLU B 94 12.62 23.11 45.27
C GLU B 94 13.96 23.53 45.90
N ASN B 95 14.41 22.78 46.91
CA ASN B 95 15.66 22.96 47.68
C ASN B 95 16.90 22.83 46.78
N ILE B 96 16.96 21.79 45.95
CA ILE B 96 18.10 21.54 45.02
C ILE B 96 18.14 22.57 43.90
N VAL B 97 17.01 22.90 43.28
CA VAL B 97 16.94 23.79 42.09
C VAL B 97 17.39 25.24 42.35
N HIS B 98 17.06 25.86 43.48
CA HIS B 98 17.31 27.31 43.72
C HIS B 98 18.80 27.69 43.59
N ASN B 99 19.69 26.84 44.08
CA ASN B 99 21.17 27.01 44.10
C ASN B 99 21.71 27.17 42.66
N PHE B 100 21.25 26.33 41.73
CA PHE B 100 21.67 26.26 40.31
C PHE B 100 21.39 27.55 39.52
N LYS B 101 20.23 28.17 39.75
CA LYS B 101 19.78 29.40 39.04
C LYS B 101 20.44 30.63 39.70
N GLU B 102 20.64 30.69 41.03
CA GLU B 102 21.42 31.84 41.58
C GLU B 102 22.81 31.80 40.95
N ARG B 103 23.32 30.57 40.75
CA ARG B 103 24.62 30.20 40.19
C ARG B 103 24.58 30.23 38.68
N GLN B 104 23.41 30.38 38.03
CA GLN B 104 23.26 30.58 36.57
C GLN B 104 23.86 29.45 35.74
N MET B 105 23.56 28.20 35.93
CA MET B 105 24.24 27.22 35.06
C MET B 105 23.22 26.52 34.18
N MET B 106 22.10 27.16 33.99
CA MET B 106 21.04 26.54 33.24
C MET B 106 20.86 27.33 31.97
N VAL B 107 20.50 26.64 30.95
CA VAL B 107 20.07 27.29 29.72
C VAL B 107 18.59 27.62 29.81
N SER B 108 18.23 28.74 29.24
CA SER B 108 16.84 29.18 29.25
C SER B 108 16.14 28.70 27.98
N TYR B 109 14.95 28.13 28.16
CA TYR B 109 14.11 27.79 27.03
C TYR B 109 13.89 29.06 26.23
N PRO B 110 14.25 29.10 24.98
CA PRO B 110 14.42 30.39 24.31
C PRO B 110 13.24 30.70 23.45
N LYS B 111 12.08 30.90 24.06
CA LYS B 111 10.88 31.15 23.27
C LYS B 111 10.81 32.62 22.89
N ILE B 112 10.86 32.86 21.57
CA ILE B 112 10.46 34.15 21.01
C ILE B 112 8.97 34.35 21.25
N ASP B 113 8.60 35.59 21.59
CA ASP B 113 7.22 35.87 21.97
C ASP B 113 6.27 35.92 20.78
N GLU B 114 6.79 36.05 19.56
CA GLU B 114 5.99 35.98 18.34
C GLU B 114 5.72 34.54 17.92
N ASP B 115 6.35 33.56 18.55
CA ASP B 115 6.57 32.25 17.97
C ASP B 115 5.59 31.24 18.53
N ASP B 116 4.64 30.79 17.69
CA ASP B 116 3.71 29.76 18.09
C ASP B 116 4.11 28.38 17.52
N THR B 117 5.36 28.24 17.05
CA THR B 117 5.73 26.98 16.39
C THR B 117 5.44 25.77 17.27
N TRP B 118 5.86 25.78 18.53
CA TRP B 118 5.70 24.55 19.31
C TRP B 118 4.23 24.27 19.58
N TYR B 119 3.44 25.30 19.91
CA TYR B 119 2.02 25.08 20.06
C TYR B 119 1.42 24.47 18.79
N ASN B 120 1.85 24.99 17.64
CA ASN B 120 1.26 24.56 16.38
C ASN B 120 1.64 23.12 16.06
N LEU B 121 2.79 22.68 16.55
CA LEU B 121 3.21 21.28 16.33
C LEU B 121 2.64 20.30 17.33
N THR B 122 2.18 20.77 18.49
CA THR B 122 1.71 19.90 19.57
C THR B 122 0.26 20.19 19.99
N GLU B 123 -0.50 20.97 19.23
CA GLU B 123 -1.87 21.41 19.60
C GLU B 123 -2.75 20.27 20.12
N PHE B 124 -2.72 19.10 19.48
CA PHE B 124 -3.61 17.97 19.85
C PHE B 124 -2.89 16.86 20.62
N VAL B 125 -1.62 17.00 20.93
CA VAL B 125 -0.88 15.92 21.65
C VAL B 125 -1.25 15.99 23.14
N GLN B 126 -1.49 14.84 23.78
CA GLN B 126 -1.87 14.78 25.22
C GLN B 126 -0.81 13.92 25.96
N MET B 127 -0.16 14.41 27.04
CA MET B 127 0.85 13.43 27.71
C MET B 127 0.22 12.12 28.17
N ASP B 128 -1.00 12.11 28.74
CA ASP B 128 -1.63 10.85 29.21
C ASP B 128 -1.87 9.90 28.02
N LYS B 129 -2.18 10.41 26.83
CA LYS B 129 -2.39 9.60 25.59
C LYS B 129 -1.04 9.06 25.09
N ILE B 130 0.03 9.84 25.23
CA ILE B 130 1.40 9.43 24.78
C ILE B 130 1.80 8.18 25.57
N ARG B 131 1.45 8.09 26.85
CA ARG B 131 1.73 6.92 27.73
C ARG B 131 0.97 5.70 27.20
N LYS B 132 -0.22 5.89 26.64
CA LYS B 132 -0.98 4.82 25.96
C LYS B 132 -0.15 4.36 24.74
N ILE B 133 0.40 5.25 23.94
CA ILE B 133 1.22 4.79 22.77
C ILE B 133 2.55 4.16 23.25
N VAL B 134 3.23 4.76 24.23
CA VAL B 134 4.56 4.32 24.74
C VAL B 134 4.33 3.75 26.15
N ARG B 135 4.28 2.42 26.30
CA ARG B 135 3.80 1.76 27.51
C ARG B 135 4.94 1.55 28.50
N LYS B 136 4.91 2.30 29.59
CA LYS B 136 5.84 2.15 30.71
C LYS B 136 5.21 2.83 31.92
N ASP B 137 4.22 2.16 32.51
CA ASP B 137 3.22 2.83 33.33
C ASP B 137 3.80 3.40 34.62
N GLU B 138 4.91 2.87 35.11
CA GLU B 138 5.47 3.35 36.38
C GLU B 138 6.06 4.75 36.28
N ASN B 139 6.27 5.29 35.08
CA ASN B 139 6.78 6.64 34.90
C ASN B 139 5.71 7.56 34.31
N GLN B 140 5.77 8.85 34.68
CA GLN B 140 4.89 9.87 34.12
C GLN B 140 5.40 10.48 32.82
N PHE B 141 6.62 10.14 32.42
CA PHE B 141 7.27 10.61 31.21
C PHE B 141 7.52 9.39 30.34
N SER B 142 7.75 9.60 29.06
CA SER B 142 7.84 8.48 28.11
C SER B 142 9.12 8.54 27.30
N TYR B 143 9.88 7.45 27.33
CA TYR B 143 11.13 7.32 26.59
C TYR B 143 10.88 6.86 25.18
N VAL B 144 11.52 7.52 24.21
CA VAL B 144 11.48 7.12 22.81
C VAL B 144 12.91 7.19 22.26
N ASP B 145 13.24 6.27 21.32
CA ASP B 145 14.50 6.40 20.62
C ASP B 145 14.39 5.98 19.15
N SER B 146 15.51 6.16 18.43
CA SER B 146 15.58 6.01 16.99
C SER B 146 15.17 4.60 16.54
N SER B 147 15.43 3.59 17.38
CA SER B 147 15.34 2.19 16.97
C SER B 147 14.01 1.53 17.32
N MET B 148 13.19 2.16 18.14
CA MET B 148 11.96 1.53 18.61
C MET B 148 11.04 1.23 17.43
N THR B 149 10.53 0.01 17.40
CA THR B 149 9.63 -0.38 16.33
C THR B 149 8.18 -0.22 16.78
N THR B 150 7.28 -0.20 15.81
CA THR B 150 5.86 -0.06 16.06
C THR B 150 5.20 -1.44 16.08
N VAL B 151 4.00 -1.50 16.67
CA VAL B 151 3.26 -2.77 16.72
C VAL B 151 3.06 -3.32 15.31
N GLN B 152 2.84 -2.45 14.32
CA GLN B 152 2.64 -2.91 12.95
C GLN B 152 3.93 -3.45 12.34
N GLU B 153 5.08 -2.87 12.70
CA GLU B 153 6.35 -3.41 12.22
C GLU B 153 6.58 -4.81 12.80
N ASN B 154 6.13 -5.05 14.04
CA ASN B 154 6.29 -6.35 14.72
C ASN B 154 5.29 -7.40 14.24
N GLU B 155 4.30 -7.01 13.43
CA GLU B 155 3.41 -7.96 12.77
C GLU B 155 3.90 -8.34 11.37
N LEU B 156 4.81 -7.56 10.81
CA LEU B 156 5.33 -7.79 9.47
C LEU B 156 6.79 -8.22 9.55
N SER B 161 11.50 -6.79 18.22
CA SER B 161 10.41 -7.74 18.41
C SER B 161 9.96 -7.77 19.87
N ASP B 162 10.57 -6.92 20.70
CA ASP B 162 10.22 -6.86 22.12
C ASP B 162 8.96 -6.03 22.30
N PRO B 163 7.88 -6.58 22.87
CA PRO B 163 6.63 -5.80 22.96
C PRO B 163 6.68 -4.63 23.93
N ALA B 164 7.44 -4.74 25.02
CA ALA B 164 7.44 -3.68 26.04
C ALA B 164 8.08 -2.40 25.53
N HIS B 165 8.97 -2.50 24.54
CA HIS B 165 9.76 -1.39 24.04
C HIS B 165 9.26 -0.91 22.67
N SER B 166 7.95 -0.97 22.43
CA SER B 166 7.39 -0.69 21.13
C SER B 166 6.55 0.58 21.15
N LEU B 167 6.32 1.17 19.98
CA LEU B 167 5.43 2.34 19.83
C LEU B 167 4.07 1.76 19.44
N ASN B 168 3.08 1.85 20.34
N ASN B 168 3.08 1.85 20.34
CA ASN B 168 1.73 1.30 20.07
CA ASN B 168 1.73 1.30 20.07
C ASN B 168 0.92 2.33 19.29
C ASN B 168 0.93 2.33 19.29
N TYR B 169 1.26 2.36 17.92
CA TYR B 169 0.36 3.41 17.26
C TYR B 169 -0.88 2.70 16.71
N THR B 170 -1.96 3.42 16.46
CA THR B 170 -3.19 2.86 15.84
C THR B 170 -2.79 2.18 14.54
N VAL B 171 -3.14 0.93 14.33
CA VAL B 171 -2.69 0.20 13.12
C VAL B 171 -3.55 0.66 11.94
N ILE B 172 -2.95 1.08 10.83
CA ILE B 172 -3.68 1.50 9.63
C ILE B 172 -3.18 0.64 8.48
N ASN B 173 -4.10 -0.03 7.80
CA ASN B 173 -3.72 -0.95 6.72
C ASN B 173 -4.85 -0.94 5.70
N PHE B 174 -4.60 -0.37 4.52
CA PHE B 174 -5.62 -0.14 3.50
C PHE B 174 -6.10 -1.43 2.86
N LYS B 175 -5.30 -2.48 2.93
CA LYS B 175 -5.71 -3.80 2.39
C LYS B 175 -5.88 -4.75 3.56
N SER B 176 -6.91 -4.46 4.35
CA SER B 176 -7.22 -5.19 5.55
C SER B 176 -8.74 -5.33 5.61
N ARG B 177 -9.21 -6.39 6.26
CA ARG B 177 -10.66 -6.53 6.42
C ARG B 177 -11.25 -5.39 7.22
N GLU B 178 -10.47 -4.79 8.13
CA GLU B 178 -11.00 -3.65 8.86
C GLU B 178 -11.31 -2.49 7.91
N ALA B 179 -10.50 -2.33 6.87
CA ALA B 179 -10.62 -1.17 5.98
C ALA B 179 -11.68 -1.37 4.90
N ILE B 180 -12.10 -2.61 4.65
CA ILE B 180 -12.89 -2.95 3.47
C ILE B 180 -14.13 -3.71 3.90
N ARG B 181 -15.30 -3.13 3.61
CA ARG B 181 -16.58 -3.76 3.87
C ARG B 181 -16.86 -4.82 2.82
N PRO B 182 -17.23 -6.03 3.20
CA PRO B 182 -17.67 -7.02 2.21
C PRO B 182 -18.75 -6.43 1.32
N GLY B 183 -18.61 -6.63 0.01
CA GLY B 183 -19.54 -6.07 -0.96
C GLY B 183 -19.31 -4.64 -1.33
N HIS B 184 -18.38 -3.94 -0.67
CA HIS B 184 -17.99 -2.59 -1.06
C HIS B 184 -16.51 -2.53 -1.37
N GLU B 185 -15.96 -3.64 -1.86
CA GLU B 185 -14.52 -3.73 -2.03
C GLU B 185 -13.97 -2.59 -2.86
N MET B 186 -14.48 -2.41 -4.08
CA MET B 186 -13.97 -1.33 -4.91
C MET B 186 -14.25 0.01 -4.26
N GLU B 187 -15.47 0.19 -3.78
CA GLU B 187 -15.83 1.48 -3.19
C GLU B 187 -14.90 1.83 -2.04
N ASP B 188 -14.71 0.90 -1.10
CA ASP B 188 -13.95 1.24 0.10
C ASP B 188 -12.46 1.41 -0.20
N PHE B 189 -11.95 0.73 -1.22
CA PHE B 189 -10.53 0.82 -1.52
C PHE B 189 -10.20 2.10 -2.26
N LEU B 190 -11.12 2.55 -3.12
CA LEU B 190 -10.85 3.75 -3.90
C LEU B 190 -11.26 5.02 -3.18
N ASP B 191 -12.18 4.92 -2.21
CA ASP B 191 -12.62 6.04 -1.39
C ASP B 191 -12.62 5.56 0.06
N LYS B 192 -11.65 6.02 0.85
CA LYS B 192 -11.47 5.45 2.17
C LYS B 192 -12.34 6.10 3.25
N SER B 193 -13.41 6.81 2.88
CA SER B 193 -14.21 7.54 3.87
C SER B 193 -14.77 6.63 4.97
N TYR B 194 -15.21 5.42 4.63
N TYR B 194 -15.22 5.43 4.60
N TYR B 194 -15.23 5.44 4.61
CA TYR B 194 -15.78 4.59 5.69
CA TYR B 194 -15.76 4.50 5.59
CA TYR B 194 -15.78 4.55 5.64
C TYR B 194 -14.72 4.15 6.68
C TYR B 194 -14.71 4.21 6.66
C TYR B 194 -14.71 4.20 6.67
N TYR B 195 -13.50 3.89 6.20
CA TYR B 195 -12.42 3.52 7.10
C TYR B 195 -12.04 4.70 7.98
N LEU B 196 -11.94 5.90 7.40
CA LEU B 196 -11.60 7.12 8.17
C LEU B 196 -12.69 7.45 9.18
N ASN B 197 -13.92 7.61 8.70
CA ASN B 197 -14.98 8.21 9.52
C ASN B 197 -15.63 7.21 10.46
N THR B 198 -15.96 6.00 9.98
CA THR B 198 -16.65 5.05 10.84
C THR B 198 -15.67 4.21 11.66
N VAL B 199 -14.70 3.56 11.00
CA VAL B 199 -13.80 2.67 11.70
C VAL B 199 -12.88 3.47 12.62
N MET B 200 -12.21 4.48 12.06
CA MET B 200 -11.12 5.12 12.81
C MET B 200 -11.64 6.24 13.71
N LEU B 201 -12.33 7.22 13.14
CA LEU B 201 -12.79 8.37 13.90
C LEU B 201 -13.86 7.96 14.92
N GLN B 202 -15.01 7.46 14.45
N GLN B 202 -15.01 7.50 14.46
CA GLN B 202 -16.09 7.09 15.35
CA GLN B 202 -16.04 7.12 15.42
C GLN B 202 -15.70 5.92 16.24
C GLN B 202 -15.60 5.95 16.29
N GLY B 203 -14.98 4.93 15.68
CA GLY B 203 -14.69 3.69 16.38
C GLY B 203 -13.46 3.58 17.28
N ILE B 204 -12.31 4.10 16.85
CA ILE B 204 -11.03 3.88 17.59
C ILE B 204 -10.57 5.13 18.35
N PHE B 205 -10.39 6.22 17.61
CA PHE B 205 -9.93 7.53 18.11
C PHE B 205 -10.97 8.22 19.00
N LYS B 206 -12.25 8.20 18.59
CA LYS B 206 -13.47 8.86 19.18
C LYS B 206 -13.72 10.26 18.57
N ASN B 207 -12.68 11.01 18.20
CA ASN B 207 -12.80 12.35 17.63
C ASN B 207 -11.53 12.70 16.85
N SER B 208 -11.63 13.78 16.08
CA SER B 208 -10.53 14.19 15.21
C SER B 208 -9.36 14.73 16.02
N SER B 209 -9.67 15.39 17.14
CA SER B 209 -8.65 15.89 18.10
C SER B 209 -7.67 14.75 18.38
N ASN B 210 -8.18 13.57 18.74
CA ASN B 210 -7.33 12.38 19.07
C ASN B 210 -6.55 11.95 17.82
N TYR B 211 -7.19 11.98 16.66
CA TYR B 211 -6.58 11.59 15.36
C TYR B 211 -5.39 12.51 15.08
N PHE B 212 -5.55 13.81 15.27
CA PHE B 212 -4.49 14.83 15.05
C PHE B 212 -3.36 14.65 16.07
N GLY B 213 -3.72 14.29 17.31
CA GLY B 213 -2.74 14.11 18.38
C GLY B 213 -1.73 13.02 18.07
N GLU B 214 -2.20 11.87 17.60
CA GLU B 214 -1.34 10.74 17.20
C GLU B 214 -0.55 11.13 15.95
N LEU B 215 -1.19 11.82 15.00
CA LEU B 215 -0.54 12.23 13.74
C LEU B 215 0.60 13.20 14.07
N GLN B 216 0.35 14.14 14.97
CA GLN B 216 1.39 15.11 15.40
C GLN B 216 2.50 14.38 16.16
N PHE B 217 2.13 13.43 17.03
CA PHE B 217 3.09 12.68 17.88
C PHE B 217 4.00 11.85 16.97
N ALA B 218 3.41 11.21 15.94
CA ALA B 218 4.14 10.38 14.95
C ALA B 218 5.16 11.26 14.20
N PHE B 219 4.75 12.43 13.69
CA PHE B 219 5.69 13.30 13.02
C PHE B 219 6.85 13.70 13.93
N LEU B 220 6.55 14.12 15.17
CA LEU B 220 7.64 14.61 15.99
C LEU B 220 8.67 13.52 16.31
N ASN B 221 8.21 12.26 16.46
CA ASN B 221 9.16 11.17 16.72
CA ASN B 221 9.15 11.16 16.71
C ASN B 221 10.00 10.88 15.48
N ALA B 222 9.38 10.98 14.30
CA ALA B 222 10.13 10.85 13.07
C ALA B 222 11.20 11.92 12.95
N MET B 223 10.84 13.17 13.25
CA MET B 223 11.77 14.28 13.05
C MET B 223 12.87 14.27 14.11
N PHE B 224 12.50 14.10 15.38
CA PHE B 224 13.50 14.24 16.44
C PHE B 224 14.36 13.00 16.60
N PHE B 225 13.84 11.81 16.27
CA PHE B 225 14.65 10.60 16.51
C PHE B 225 14.96 9.86 15.24
N GLY B 226 14.48 10.33 14.09
CA GLY B 226 14.65 9.54 12.86
C GLY B 226 14.00 8.18 12.99
N ASN B 227 12.87 8.12 13.68
CA ASN B 227 12.19 6.87 13.95
C ASN B 227 11.39 6.49 12.72
N TYR B 228 11.81 5.41 12.03
CA TYR B 228 11.22 5.10 10.74
C TYR B 228 9.74 4.68 10.85
N GLY B 229 9.40 3.89 11.86
CA GLY B 229 8.01 3.47 12.00
C GLY B 229 7.08 4.61 12.31
N SER B 230 7.60 5.63 12.98
CA SER B 230 6.81 6.83 13.19
C SER B 230 6.57 7.58 11.90
N SER B 231 7.59 7.67 11.03
CA SER B 231 7.40 8.31 9.75
C SER B 231 6.32 7.58 8.95
N LEU B 232 6.40 6.23 8.94
CA LEU B 232 5.36 5.43 8.29
C LEU B 232 3.97 5.76 8.82
N GLN B 233 3.85 5.92 10.15
CA GLN B 233 2.56 6.18 10.75
C GLN B 233 2.04 7.56 10.34
N TRP B 234 2.90 8.58 10.42
CA TRP B 234 2.52 9.93 10.01
C TRP B 234 2.01 9.95 8.57
N HIS B 235 2.75 9.30 7.64
CA HIS B 235 2.27 9.32 6.26
C HIS B 235 0.99 8.54 6.08
N ALA B 236 0.81 7.43 6.82
CA ALA B 236 -0.42 6.64 6.65
C ALA B 236 -1.63 7.44 7.11
N MET B 237 -1.44 8.23 8.18
CA MET B 237 -2.56 9.01 8.69
C MET B 237 -2.91 10.18 7.78
N ILE B 238 -1.93 10.76 7.11
CA ILE B 238 -2.19 11.76 6.09
C ILE B 238 -2.92 11.11 4.93
N GLU B 239 -2.39 10.00 4.44
CA GLU B 239 -2.94 9.39 3.23
C GLU B 239 -4.38 8.93 3.45
N LEU B 240 -4.69 8.44 4.65
CA LEU B 240 -6.06 8.03 4.94
C LEU B 240 -7.05 9.19 4.81
N ILE B 241 -6.65 10.38 5.25
CA ILE B 241 -7.54 11.52 5.05
C ILE B 241 -7.61 11.94 3.58
N CYS B 242 -6.46 12.07 2.92
CA CYS B 242 -6.45 12.58 1.55
C CYS B 242 -7.17 11.63 0.60
N SER B 243 -7.15 10.33 0.89
CA SER B 243 -7.82 9.30 0.09
C SER B 243 -9.28 9.08 0.45
N SER B 244 -9.86 9.93 1.29
CA SER B 244 -11.28 9.91 1.62
C SER B 244 -12.00 11.03 0.90
N ALA B 245 -13.07 10.70 0.17
CA ALA B 245 -13.84 11.73 -0.52
C ALA B 245 -14.69 12.56 0.43
N THR B 246 -15.04 12.02 1.58
CA THR B 246 -15.95 12.67 2.52
C THR B 246 -15.18 12.88 3.82
N VAL B 247 -14.78 14.12 4.05
CA VAL B 247 -14.03 14.51 5.25
C VAL B 247 -14.66 15.81 5.77
N PRO B 248 -14.99 15.89 7.05
CA PRO B 248 -15.48 17.18 7.58
C PRO B 248 -14.58 18.35 7.23
N LYS B 249 -15.22 19.45 6.81
CA LYS B 249 -14.51 20.62 6.33
C LYS B 249 -13.53 21.13 7.37
N HIS B 250 -13.92 21.10 8.65
CA HIS B 250 -13.04 21.61 9.69
C HIS B 250 -11.83 20.70 9.88
N MET B 251 -11.96 19.41 9.57
CA MET B 251 -10.81 18.53 9.67
C MET B 251 -9.79 18.84 8.59
N LEU B 252 -10.27 19.11 7.37
CA LEU B 252 -9.36 19.41 6.27
C LEU B 252 -8.65 20.73 6.53
N ASP B 253 -9.38 21.73 7.00
CA ASP B 253 -8.74 23.00 7.30
C ASP B 253 -7.70 22.84 8.40
N LYS B 254 -8.01 22.07 9.45
CA LYS B 254 -7.02 21.88 10.49
C LYS B 254 -5.83 21.05 9.98
N LEU B 255 -6.09 20.03 9.16
CA LEU B 255 -4.97 19.22 8.67
C LEU B 255 -4.01 20.09 7.86
N ASP B 256 -4.57 20.97 7.02
CA ASP B 256 -3.72 21.89 6.24
C ASP B 256 -2.80 22.69 7.15
N GLU B 257 -3.34 23.19 8.27
CA GLU B 257 -2.50 23.97 9.20
C GLU B 257 -1.45 23.07 9.86
N ILE B 258 -1.86 21.85 10.24
CA ILE B 258 -0.95 20.96 10.94
C ILE B 258 0.24 20.66 10.04
N LEU B 259 -0.04 20.27 8.80
CA LEU B 259 1.01 19.87 7.87
C LEU B 259 1.88 21.06 7.48
N TYR B 260 1.26 22.25 7.31
CA TYR B 260 2.04 23.43 7.01
C TYR B 260 3.14 23.64 8.04
N TYR B 261 2.78 23.57 9.33
CA TYR B 261 3.79 23.82 10.36
C TYR B 261 4.80 22.69 10.44
N GLN B 262 4.40 21.47 10.11
CA GLN B 262 5.36 20.37 10.12
C GLN B 262 6.37 20.55 9.00
N ILE B 263 5.89 20.85 7.79
CA ILE B 263 6.77 21.08 6.66
C ILE B 263 7.66 22.29 6.91
N LYS B 264 7.09 23.33 7.54
CA LYS B 264 7.89 24.52 7.84
C LYS B 264 9.04 24.21 8.78
N THR B 265 8.81 23.35 9.78
CA THR B 265 9.82 23.08 10.80
C THR B 265 10.84 22.05 10.34
N LEU B 266 10.47 21.20 9.39
CA LEU B 266 11.35 20.11 8.97
C LEU B 266 12.72 20.65 8.55
N PRO B 267 13.82 20.12 9.08
CA PRO B 267 15.14 20.52 8.58
C PRO B 267 15.25 20.28 7.09
N GLU B 268 15.73 21.29 6.38
CA GLU B 268 15.81 21.22 4.93
C GLU B 268 16.63 20.00 4.49
N GLN B 269 17.70 19.69 5.22
CA GLN B 269 18.62 18.63 4.83
C GLN B 269 18.11 17.23 5.17
N TYR B 270 16.99 17.10 5.89
CA TYR B 270 16.40 15.79 6.20
C TYR B 270 15.16 15.51 5.36
N SER B 271 14.76 16.42 4.47
CA SER B 271 13.53 16.21 3.72
C SER B 271 13.60 14.96 2.88
N ASP B 272 14.81 14.59 2.41
CA ASP B 272 14.96 13.44 1.51
C ASP B 272 14.53 12.13 2.17
N ILE B 273 14.85 11.97 3.46
CA ILE B 273 14.54 10.73 4.17
C ILE B 273 13.26 10.82 5.01
N LEU B 274 12.76 12.02 5.32
CA LEU B 274 11.56 12.12 6.13
C LEU B 274 10.29 12.34 5.33
N LEU B 275 10.36 12.54 4.01
CA LEU B 275 9.18 12.77 3.20
C LEU B 275 9.06 11.71 2.12
N ASN B 276 7.91 11.05 2.06
CA ASN B 276 7.65 10.00 1.09
C ASN B 276 7.12 10.62 -0.20
N GLU B 277 7.95 10.59 -1.25
CA GLU B 277 7.59 11.19 -2.53
C GLU B 277 6.23 10.71 -3.03
N ARG B 278 5.98 9.40 -2.97
CA ARG B 278 4.72 8.88 -3.49
C ARG B 278 3.52 9.45 -2.74
N VAL B 279 3.58 9.43 -1.41
CA VAL B 279 2.42 9.88 -0.64
C VAL B 279 2.13 11.35 -0.89
N TRP B 280 3.16 12.19 -0.94
CA TRP B 280 2.94 13.63 -1.03
C TRP B 280 2.43 14.01 -2.42
N ASN B 281 3.01 13.41 -3.46
CA ASN B 281 2.50 13.67 -4.80
C ASN B 281 1.08 13.18 -4.95
N ILE B 282 0.79 11.99 -4.45
CA ILE B 282 -0.59 11.49 -4.48
C ILE B 282 -1.51 12.43 -3.72
N CYS B 283 -1.12 12.82 -2.49
CA CYS B 283 -2.02 13.62 -1.66
C CYS B 283 -2.27 14.99 -2.29
N LEU B 284 -1.22 15.64 -2.77
CA LEU B 284 -1.35 17.00 -3.27
C LEU B 284 -1.91 17.07 -4.69
N TYR B 285 -1.73 16.02 -5.51
CA TYR B 285 -1.97 16.14 -6.95
C TYR B 285 -2.97 15.15 -7.52
N SER B 286 -3.22 14.02 -6.86
CA SER B 286 -4.17 13.04 -7.37
C SER B 286 -5.38 12.79 -6.47
N SER B 287 -5.27 13.01 -5.17
CA SER B 287 -6.26 12.51 -4.23
C SER B 287 -7.53 13.35 -4.23
N PHE B 288 -8.54 12.86 -3.52
CA PHE B 288 -9.79 13.59 -3.35
C PHE B 288 -9.53 14.98 -2.77
N GLN B 289 -8.53 15.11 -1.91
CA GLN B 289 -8.27 16.37 -1.21
C GLN B 289 -7.15 17.18 -1.87
N LYS B 290 -6.87 16.89 -3.16
CA LYS B 290 -5.77 17.54 -3.85
C LYS B 290 -5.92 19.06 -3.90
N ASN B 291 -7.15 19.56 -3.77
CA ASN B 291 -7.45 20.98 -3.83
C ASN B 291 -7.77 21.57 -2.46
N SER B 292 -7.59 20.81 -1.39
CA SER B 292 -8.08 21.17 -0.07
C SER B 292 -6.97 21.57 0.89
N LEU B 293 -5.73 21.49 0.46
CA LEU B 293 -4.61 21.74 1.39
C LEU B 293 -3.77 22.89 0.85
N HIS B 294 -4.37 24.08 0.79
CA HIS B 294 -3.74 25.19 0.09
C HIS B 294 -2.45 25.61 0.73
N ASN B 295 -2.44 25.74 2.07
CA ASN B 295 -1.23 26.20 2.75
C ASN B 295 -0.10 25.19 2.63
N THR B 296 -0.43 23.90 2.78
CA THR B 296 0.57 22.85 2.70
C THR B 296 1.12 22.74 1.30
N GLU B 297 0.24 22.77 0.28
CA GLU B 297 0.71 22.71 -1.10
C GLU B 297 1.65 23.88 -1.41
N LYS B 298 1.30 25.09 -0.97
CA LYS B 298 2.16 26.23 -1.26
C LYS B 298 3.55 26.09 -0.61
N ILE B 299 3.62 25.69 0.67
CA ILE B 299 4.92 25.60 1.29
C ILE B 299 5.71 24.44 0.68
N MET B 300 5.05 23.33 0.39
CA MET B 300 5.73 22.20 -0.24
C MET B 300 6.32 22.59 -1.59
N GLU B 301 5.55 23.27 -2.43
CA GLU B 301 6.05 23.63 -3.75
C GLU B 301 7.18 24.65 -3.70
N ASN B 302 7.21 25.51 -2.68
CA ASN B 302 8.27 26.51 -2.61
C ASN B 302 9.48 26.03 -1.85
N LYS B 303 9.33 25.03 -1.00
CA LYS B 303 10.45 24.56 -0.18
C LYS B 303 11.05 23.27 -0.70
N TYR B 304 10.23 22.35 -1.21
CA TYR B 304 10.70 21.05 -1.71
C TYR B 304 10.14 20.73 -3.09
N PRO B 305 10.36 21.61 -4.07
CA PRO B 305 9.83 21.33 -5.42
C PRO B 305 10.48 20.13 -6.06
N GLU B 306 11.66 19.73 -5.58
CA GLU B 306 12.30 18.51 -6.08
C GLU B 306 11.42 17.30 -5.83
N LEU B 307 10.98 17.12 -4.59
CA LEU B 307 10.15 15.97 -4.23
C LEU B 307 8.94 15.83 -5.13
N LEU B 308 8.51 16.90 -5.79
CA LEU B 308 7.27 16.88 -6.54
C LEU B 308 7.52 17.08 -8.04
N1 WC2 C . 17.28 18.31 40.82
C7 WC2 C . 16.27 18.09 41.62
N2 WC2 C . 15.94 16.99 42.30
C1 WC2 C . 19.92 13.66 44.40
C5 WC2 C . 17.94 16.07 41.39
C6 WC2 C . 18.08 17.29 40.72
C4 WC2 C . 16.80 15.91 42.20
C3 WC2 C . 17.64 13.83 43.35
C2 WC2 C . 18.64 14.47 44.29
CL WC2 C . 19.34 17.54 39.59
N WC2 C . 16.57 14.82 43.02
O WC2 C . 20.19 13.23 43.09
C WC2 C . 20.79 11.97 43.01
N1 WC2 D . -2.30 12.54 21.67
C7 WC2 D . -3.64 12.52 21.71
N2 WC2 D . -4.50 11.55 21.37
C1 WC2 D . -4.86 5.71 19.82
C5 WC2 D . -2.49 10.29 20.82
C6 WC2 D . -1.79 11.40 21.24
C4 WC2 D . -3.91 10.42 20.92
C3 WC2 D . -4.22 8.16 20.02
C2 WC2 D . -4.96 6.99 20.65
CL WC2 D . -0.09 11.36 21.30
N WC2 D . -4.75 9.42 20.55
O WC2 D . -3.50 5.39 19.72
C WC2 D . -3.27 3.99 19.65
#